data_1C8N
#
_entry.id   1C8N
#
_cell.length_a   336.400
_cell.length_b   336.400
_cell.length_c   336.400
_cell.angle_alpha   90.00
_cell.angle_beta   90.00
_cell.angle_gamma   90.00
#
_symmetry.space_group_name_H-M   'P 42 3 2'
#
loop_
_entity.id
_entity.type
_entity.pdbx_description
1 polymer 'COAT PROTEIN'
2 non-polymer 'CALCIUM ION'
3 water water
#
_entity_poly.entity_id   1
_entity_poly.type   'polypeptide(L)'
_entity_poly.pdbx_seq_one_letter_code
;ANINDKRVMKEANGIFVEQRWNGKRWVTEASWRAGQAPNKERAATVTKSIARKVRGGVSRAGGFVTAPVIGAMVTRPTVP
RFGMRGNSTVVSNSELILNLTPIALAYTVQSLPLIATQPAWLGTIADNYSKWRWVSLRIIYSPKCPTTTSGTVAMCLSYD
RNDVAPGSRVQLSQTYKAINFPPYAGYDGAAILNTDVTPTSAIYVDVDVTRFDKAWYSTIGTAAFAALTAFDQNQFCPCT
VHIGSDGGPAVAVPPGDIFFKYVIELIEPINPTMNV
;
_entity_poly.pdbx_strand_id   A,B,C
#
loop_
_chem_comp.id
_chem_comp.type
_chem_comp.name
_chem_comp.formula
CA non-polymer 'CALCIUM ION' 'Ca 2'
#
# COMPACT_ATOMS: atom_id res chain seq x y z
N ASN A 87 -3.06 0.58 -20.27
CA ASN A 87 -1.93 0.09 -21.13
C ASN A 87 -0.69 -0.24 -20.29
N SER A 88 -0.04 -1.34 -20.63
CA SER A 88 1.14 -1.80 -19.93
C SER A 88 2.04 -2.56 -20.90
N THR A 89 3.28 -2.75 -20.47
CA THR A 89 4.28 -3.44 -21.24
C THR A 89 4.62 -4.74 -20.50
N VAL A 90 4.69 -5.85 -21.21
CA VAL A 90 5.04 -7.11 -20.57
C VAL A 90 6.40 -7.52 -21.07
N VAL A 91 7.31 -7.77 -20.14
CA VAL A 91 8.65 -8.19 -20.46
C VAL A 91 8.91 -9.60 -19.97
N SER A 92 9.58 -10.39 -20.82
CA SER A 92 9.93 -11.77 -20.51
C SER A 92 11.38 -12.07 -20.88
N ASN A 93 12.10 -12.71 -19.96
CA ASN A 93 13.50 -13.11 -20.18
C ASN A 93 13.91 -13.88 -18.92
N SER A 94 15.11 -14.45 -18.97
CA SER A 94 15.67 -15.15 -17.83
C SER A 94 17.05 -14.54 -17.77
N GLU A 95 17.62 -14.47 -16.57
CA GLU A 95 18.95 -13.90 -16.38
C GLU A 95 19.66 -14.63 -15.27
N LEU A 96 21.00 -14.60 -15.33
CA LEU A 96 21.86 -15.18 -14.29
C LEU A 96 21.84 -14.08 -13.22
N ILE A 97 21.42 -14.40 -12.01
CA ILE A 97 21.31 -13.41 -10.96
C ILE A 97 22.41 -13.47 -9.90
N LEU A 98 22.82 -14.67 -9.51
CA LEU A 98 23.80 -14.81 -8.46
C LEU A 98 24.67 -16.04 -8.58
N ASN A 99 25.99 -15.86 -8.46
CA ASN A 99 26.94 -16.96 -8.47
C ASN A 99 26.96 -17.37 -7.00
N LEU A 100 26.65 -18.63 -6.68
CA LEU A 100 26.64 -19.02 -5.28
C LEU A 100 28.03 -19.13 -4.66
N THR A 101 28.13 -18.83 -3.37
CA THR A 101 29.40 -18.91 -2.69
C THR A 101 29.74 -20.39 -2.64
N PRO A 102 31.03 -20.73 -2.82
CA PRO A 102 31.47 -22.11 -2.80
C PRO A 102 30.89 -22.93 -1.63
N ILE A 103 30.38 -24.12 -1.94
CA ILE A 103 29.82 -25.01 -0.93
C ILE A 103 30.95 -25.69 -0.12
N ALA A 104 30.81 -25.63 1.20
CA ALA A 104 31.77 -26.21 2.13
C ALA A 104 30.99 -26.91 3.22
N LEU A 105 31.71 -27.46 4.20
CA LEU A 105 31.07 -28.20 5.28
C LEU A 105 30.07 -27.38 6.08
N ALA A 106 30.49 -26.18 6.49
CA ALA A 106 29.62 -25.31 7.27
C ALA A 106 28.52 -24.65 6.41
N TYR A 107 27.46 -24.22 7.09
CA TYR A 107 26.31 -23.60 6.47
C TYR A 107 26.53 -22.13 6.15
N THR A 108 25.96 -21.66 5.03
CA THR A 108 26.00 -20.23 4.64
C THR A 108 24.67 -19.96 3.97
N VAL A 109 24.26 -18.70 3.95
CA VAL A 109 23.02 -18.29 3.28
C VAL A 109 23.28 -17.00 2.54
N GLN A 110 22.57 -16.83 1.43
CA GLN A 110 22.61 -15.63 0.62
C GLN A 110 21.14 -15.35 0.39
N SER A 111 20.78 -14.09 0.25
CA SER A 111 19.40 -13.72 0.04
C SER A 111 19.34 -12.70 -1.08
N LEU A 112 18.21 -12.67 -1.79
CA LEU A 112 18.05 -11.74 -2.89
C LEU A 112 16.65 -11.17 -2.86
N PRO A 113 16.52 -9.84 -2.96
CA PRO A 113 15.16 -9.29 -2.95
C PRO A 113 14.55 -9.51 -4.33
N LEU A 114 13.30 -9.94 -4.38
CA LEU A 114 12.65 -10.19 -5.65
C LEU A 114 12.01 -8.91 -6.15
N ILE A 115 12.84 -7.99 -6.65
CA ILE A 115 12.35 -6.73 -7.18
C ILE A 115 12.76 -6.58 -8.65
N ALA A 116 12.00 -5.80 -9.40
CA ALA A 116 12.22 -5.59 -10.83
C ALA A 116 13.62 -5.06 -11.19
N THR A 117 14.25 -4.44 -10.22
CA THR A 117 15.54 -3.82 -10.39
C THR A 117 16.73 -4.76 -10.04
N GLN A 118 16.43 -5.87 -9.40
CA GLN A 118 17.45 -6.83 -9.02
C GLN A 118 18.16 -7.40 -10.26
N PRO A 119 17.39 -7.86 -11.29
CA PRO A 119 18.06 -8.40 -12.50
C PRO A 119 18.66 -7.24 -13.30
N ALA A 120 19.96 -7.29 -13.57
CA ALA A 120 20.64 -6.22 -14.28
C ALA A 120 20.00 -5.75 -15.60
N TRP A 121 19.66 -6.69 -16.48
CA TRP A 121 19.06 -6.38 -17.76
C TRP A 121 17.67 -5.76 -17.57
N LEU A 122 16.83 -6.39 -16.76
CA LEU A 122 15.47 -5.91 -16.48
C LEU A 122 15.53 -4.53 -15.83
N GLY A 123 16.47 -4.37 -14.90
CA GLY A 123 16.61 -3.10 -14.21
C GLY A 123 16.55 -1.90 -15.11
N THR A 124 17.24 -1.96 -16.25
CA THR A 124 17.28 -0.88 -17.24
C THR A 124 15.89 -0.53 -17.75
N ILE A 125 15.09 -1.55 -18.06
CA ILE A 125 13.75 -1.31 -18.56
C ILE A 125 12.87 -0.77 -17.43
N ALA A 126 13.00 -1.36 -16.26
CA ALA A 126 12.21 -0.95 -15.11
C ALA A 126 12.39 0.50 -14.74
N ASP A 127 13.62 1.00 -14.87
CA ASP A 127 13.91 2.39 -14.50
C ASP A 127 13.01 3.38 -15.25
N ASN A 128 12.43 2.89 -16.35
CA ASN A 128 11.57 3.67 -17.23
C ASN A 128 10.08 3.63 -16.91
N TYR A 129 9.71 2.89 -15.87
CA TYR A 129 8.32 2.75 -15.45
C TYR A 129 8.20 2.97 -13.94
N SER A 130 7.14 3.64 -13.54
CA SER A 130 6.89 3.93 -12.14
C SER A 130 6.54 2.72 -11.26
N LYS A 131 5.71 1.82 -11.78
CA LYS A 131 5.25 0.67 -11.03
C LYS A 131 5.33 -0.64 -11.82
N TRP A 132 5.33 -1.77 -11.12
CA TRP A 132 5.41 -3.05 -11.75
C TRP A 132 4.80 -4.13 -10.88
N ARG A 133 4.66 -5.31 -11.46
CA ARG A 133 4.17 -6.46 -10.75
C ARG A 133 4.60 -7.71 -11.49
N TRP A 134 5.13 -8.68 -10.76
CA TRP A 134 5.56 -9.93 -11.36
C TRP A 134 4.32 -10.64 -11.84
N VAL A 135 4.32 -11.06 -13.10
CA VAL A 135 3.20 -11.79 -13.67
C VAL A 135 3.52 -13.29 -13.47
N SER A 136 4.82 -13.60 -13.50
CA SER A 136 5.29 -14.95 -13.33
C SER A 136 6.75 -14.86 -12.89
N LEU A 137 7.14 -15.68 -11.92
CA LEU A 137 8.51 -15.67 -11.42
C LEU A 137 8.95 -17.07 -10.99
N ARG A 138 9.94 -17.58 -11.69
CA ARG A 138 10.49 -18.89 -11.41
C ARG A 138 12.01 -18.74 -11.16
N ILE A 139 12.44 -19.18 -10.00
CA ILE A 139 13.84 -19.12 -9.62
C ILE A 139 14.42 -20.48 -9.97
N ILE A 140 15.49 -20.47 -10.77
CA ILE A 140 16.11 -21.70 -11.25
C ILE A 140 17.55 -21.89 -10.82
N TYR A 141 17.89 -23.12 -10.44
CA TYR A 141 19.25 -23.45 -10.05
C TYR A 141 19.96 -24.18 -11.21
N SER A 142 21.21 -23.80 -11.49
CA SER A 142 21.98 -24.47 -12.54
C SER A 142 23.30 -24.92 -11.93
N PRO A 143 23.58 -26.23 -11.95
CA PRO A 143 24.83 -26.72 -11.36
C PRO A 143 26.07 -26.45 -12.23
N LYS A 144 27.21 -26.30 -11.57
CA LYS A 144 28.46 -26.06 -12.29
C LYS A 144 29.60 -26.88 -11.68
N CYS A 145 29.23 -27.81 -10.82
CA CYS A 145 30.23 -28.64 -10.18
C CYS A 145 30.05 -30.10 -10.62
N PRO A 146 31.10 -30.93 -10.42
CA PRO A 146 31.14 -32.36 -10.76
C PRO A 146 30.16 -33.17 -9.90
N THR A 147 29.86 -34.38 -10.35
CA THR A 147 28.96 -35.22 -9.58
C THR A 147 29.65 -35.80 -8.35
N THR A 148 30.94 -35.48 -8.22
CA THR A 148 31.77 -35.92 -7.10
C THR A 148 31.63 -35.00 -5.89
N THR A 149 30.91 -33.89 -6.07
CA THR A 149 30.71 -32.91 -5.02
C THR A 149 29.61 -33.32 -4.05
N SER A 150 29.93 -33.28 -2.76
CA SER A 150 28.97 -33.63 -1.73
C SER A 150 28.28 -32.34 -1.24
N GLY A 151 27.23 -32.50 -0.45
CA GLY A 151 26.53 -31.35 0.10
C GLY A 151 25.09 -31.14 -0.31
N THR A 152 24.52 -30.06 0.24
CA THR A 152 23.15 -29.71 -0.05
C THR A 152 22.97 -28.22 -0.23
N VAL A 153 22.27 -27.84 -1.29
CA VAL A 153 21.95 -26.45 -1.56
C VAL A 153 20.43 -26.43 -1.38
N ALA A 154 19.88 -25.38 -0.76
CA ALA A 154 18.45 -25.30 -0.54
C ALA A 154 17.96 -23.90 -0.74
N MET A 155 16.73 -23.75 -1.23
CA MET A 155 16.13 -22.44 -1.46
C MET A 155 14.77 -22.34 -0.76
N CYS A 156 14.38 -21.14 -0.33
CA CYS A 156 13.07 -20.94 0.25
C CYS A 156 12.66 -19.46 0.07
N LEU A 157 11.40 -19.15 0.37
CA LEU A 157 10.88 -17.80 0.23
C LEU A 157 10.37 -17.21 1.54
N SER A 158 10.59 -15.91 1.74
CA SER A 158 10.08 -15.18 2.91
C SER A 158 9.39 -13.92 2.36
N TYR A 159 8.63 -13.23 3.21
CA TYR A 159 7.87 -12.10 2.74
C TYR A 159 7.94 -10.84 3.59
N ASP A 160 8.98 -10.73 4.42
CA ASP A 160 9.15 -9.54 5.28
C ASP A 160 10.67 -9.28 5.40
N ARG A 161 11.11 -8.12 4.93
CA ARG A 161 12.53 -7.75 4.98
C ARG A 161 13.04 -7.63 6.42
N ASN A 162 12.12 -7.65 7.36
CA ASN A 162 12.50 -7.56 8.76
C ASN A 162 12.76 -8.95 9.35
N ASP A 163 12.52 -10.01 8.58
CA ASP A 163 12.76 -11.38 9.06
C ASP A 163 14.26 -11.59 9.21
N VAL A 164 14.66 -12.62 9.95
CA VAL A 164 16.08 -12.97 10.07
C VAL A 164 16.22 -14.10 9.03
N ALA A 165 17.34 -14.17 8.33
CA ALA A 165 17.54 -15.22 7.31
C ALA A 165 17.65 -16.56 8.03
N PRO A 166 17.39 -17.67 7.32
CA PRO A 166 17.47 -18.99 7.97
C PRO A 166 18.91 -19.27 8.45
N GLY A 167 19.02 -19.71 9.70
CA GLY A 167 20.30 -20.02 10.31
C GLY A 167 20.73 -21.46 10.14
N SER A 168 19.90 -22.27 9.50
CA SER A 168 20.21 -23.66 9.27
C SER A 168 19.30 -24.22 8.21
N ARG A 169 19.69 -25.35 7.64
CA ARG A 169 18.91 -26.02 6.62
C ARG A 169 17.59 -26.49 7.22
N VAL A 170 17.58 -26.74 8.52
CA VAL A 170 16.35 -27.15 9.20
C VAL A 170 15.35 -25.98 9.16
N GLN A 171 15.80 -24.79 9.54
CA GLN A 171 14.96 -23.60 9.55
C GLN A 171 14.51 -23.25 8.16
N LEU A 172 15.42 -23.38 7.21
CA LEU A 172 15.17 -23.10 5.82
C LEU A 172 14.12 -24.07 5.26
N SER A 173 14.31 -25.35 5.55
CA SER A 173 13.41 -26.40 5.09
C SER A 173 11.95 -26.32 5.55
N GLN A 174 11.71 -25.62 6.64
CA GLN A 174 10.35 -25.46 7.17
C GLN A 174 9.61 -24.34 6.42
N THR A 175 10.39 -23.48 5.78
CA THR A 175 9.87 -22.32 5.07
C THR A 175 9.28 -22.63 3.71
N TYR A 176 8.28 -21.84 3.33
CA TYR A 176 7.54 -21.99 2.07
C TYR A 176 8.41 -22.20 0.83
N LYS A 177 8.04 -23.20 0.05
CA LYS A 177 8.73 -23.56 -1.19
C LYS A 177 10.14 -24.08 -1.07
N ALA A 178 10.52 -24.53 0.13
CA ALA A 178 11.86 -25.08 0.37
C ALA A 178 12.10 -26.35 -0.40
N ILE A 179 13.21 -26.38 -1.12
CA ILE A 179 13.61 -27.53 -1.90
C ILE A 179 15.09 -27.70 -1.63
N ASN A 180 15.47 -28.93 -1.28
CA ASN A 180 16.86 -29.32 -0.96
C ASN A 180 17.35 -30.25 -2.07
N PHE A 181 18.64 -30.16 -2.40
CA PHE A 181 19.22 -30.97 -3.46
C PHE A 181 20.76 -30.92 -3.44
N PRO A 182 21.44 -31.94 -4.03
CA PRO A 182 22.91 -31.93 -4.04
C PRO A 182 23.35 -30.83 -5.02
N PRO A 183 24.55 -30.25 -4.82
CA PRO A 183 25.08 -29.18 -5.68
C PRO A 183 25.19 -29.46 -7.18
N TYR A 184 25.17 -30.72 -7.58
CA TYR A 184 25.26 -31.09 -8.99
C TYR A 184 23.90 -31.42 -9.62
N ALA A 185 22.83 -31.31 -8.85
CA ALA A 185 21.50 -31.62 -9.34
C ALA A 185 21.02 -30.55 -10.32
N GLY A 186 20.12 -30.94 -11.22
CA GLY A 186 19.57 -30.00 -12.17
C GLY A 186 20.15 -29.97 -13.56
N TYR A 187 21.18 -30.77 -13.85
CA TYR A 187 21.77 -30.77 -15.19
C TYR A 187 20.89 -31.43 -16.27
N ASP A 188 20.00 -32.33 -15.85
CA ASP A 188 19.09 -32.99 -16.79
C ASP A 188 17.84 -32.15 -17.05
N GLY A 189 17.75 -30.97 -16.44
CA GLY A 189 16.59 -30.14 -16.67
C GLY A 189 16.87 -28.73 -17.16
N ALA A 190 18.08 -28.48 -17.67
CA ALA A 190 18.47 -27.16 -18.14
C ALA A 190 17.56 -26.49 -19.20
N ALA A 191 16.76 -27.27 -19.91
CA ALA A 191 15.85 -26.73 -20.94
C ALA A 191 14.83 -25.75 -20.38
N ILE A 192 14.55 -25.91 -19.09
CA ILE A 192 13.62 -25.04 -18.38
C ILE A 192 14.00 -23.55 -18.52
N LEU A 193 15.29 -23.30 -18.75
CA LEU A 193 15.83 -21.95 -18.88
C LEU A 193 15.42 -21.19 -20.12
N ASN A 194 15.34 -21.88 -21.26
CA ASN A 194 15.01 -21.19 -22.50
C ASN A 194 13.87 -21.76 -23.32
N THR A 195 13.01 -22.55 -22.68
CA THR A 195 11.85 -23.12 -23.36
C THR A 195 10.68 -23.05 -22.39
N ASP A 196 9.50 -23.41 -22.84
CA ASP A 196 8.35 -23.38 -21.97
C ASP A 196 8.15 -24.75 -21.32
N VAL A 197 9.18 -25.57 -21.37
CA VAL A 197 9.11 -26.90 -20.78
C VAL A 197 9.50 -26.84 -19.31
N THR A 198 8.89 -27.68 -18.50
CA THR A 198 9.24 -27.78 -17.10
C THR A 198 9.64 -29.23 -16.83
N PRO A 199 10.92 -29.58 -17.05
CA PRO A 199 11.42 -30.94 -16.81
C PRO A 199 11.28 -31.33 -15.33
N THR A 200 10.94 -32.59 -15.08
CA THR A 200 10.75 -33.06 -13.71
C THR A 200 12.07 -33.19 -12.97
N SER A 201 13.16 -33.06 -13.72
CA SER A 201 14.47 -33.13 -13.12
C SER A 201 15.06 -31.74 -12.91
N ALA A 202 14.30 -30.69 -13.24
CA ALA A 202 14.80 -29.32 -13.06
C ALA A 202 14.65 -28.92 -11.58
N ILE A 203 15.47 -27.98 -11.15
CA ILE A 203 15.46 -27.48 -9.77
C ILE A 203 15.00 -26.03 -9.82
N TYR A 204 13.79 -25.79 -9.32
CA TYR A 204 13.25 -24.45 -9.35
C TYR A 204 12.24 -24.17 -8.23
N VAL A 205 11.88 -22.89 -8.11
CA VAL A 205 10.93 -22.42 -7.14
C VAL A 205 10.00 -21.48 -7.90
N ASP A 206 8.71 -21.75 -7.83
CA ASP A 206 7.72 -20.89 -8.50
C ASP A 206 7.15 -20.00 -7.41
N VAL A 207 7.27 -18.71 -7.60
CA VAL A 207 6.79 -17.76 -6.60
C VAL A 207 5.28 -17.55 -6.73
N ASP A 208 4.57 -17.53 -5.58
CA ASP A 208 3.11 -17.32 -5.55
C ASP A 208 2.78 -15.85 -5.79
N VAL A 209 3.01 -15.46 -7.02
CA VAL A 209 2.85 -14.11 -7.52
C VAL A 209 1.49 -13.44 -7.27
N THR A 210 0.45 -14.23 -7.08
CA THR A 210 -0.89 -13.68 -6.84
C THR A 210 -1.21 -13.45 -5.34
N ARG A 211 -0.26 -13.72 -4.46
CA ARG A 211 -0.53 -13.57 -3.05
C ARG A 211 0.38 -12.59 -2.35
N PHE A 212 0.78 -11.55 -3.06
CA PHE A 212 1.63 -10.51 -2.50
C PHE A 212 0.72 -9.57 -1.72
N ASP A 213 1.27 -8.80 -0.80
CA ASP A 213 0.44 -7.91 0.03
C ASP A 213 -0.30 -6.79 -0.69
N LYS A 214 0.28 -6.29 -1.79
CA LYS A 214 -0.37 -5.24 -2.57
C LYS A 214 -0.29 -5.49 -4.06
N ALA A 215 -1.12 -4.78 -4.81
CA ALA A 215 -1.24 -4.91 -6.27
C ALA A 215 -0.07 -4.47 -7.13
N TRP A 216 0.51 -3.34 -6.80
CA TRP A 216 1.63 -2.84 -7.58
C TRP A 216 2.71 -2.40 -6.63
N TYR A 217 3.93 -2.39 -7.14
CA TYR A 217 5.09 -1.96 -6.37
C TYR A 217 5.76 -0.90 -7.19
N SER A 218 6.26 0.12 -6.50
CA SER A 218 6.96 1.23 -7.14
C SER A 218 8.39 0.80 -7.45
N THR A 219 8.93 1.26 -8.56
CA THR A 219 10.29 0.92 -8.94
C THR A 219 11.29 1.70 -8.04
N ILE A 220 12.37 1.03 -7.65
CA ILE A 220 13.44 1.64 -6.85
C ILE A 220 14.76 0.96 -7.19
N GLY A 221 15.84 1.74 -7.26
CA GLY A 221 17.16 1.19 -7.57
C GLY A 221 17.69 0.35 -6.44
N THR A 222 18.54 -0.62 -6.75
CA THR A 222 19.08 -1.50 -5.74
C THR A 222 19.91 -0.79 -4.69
N ALA A 223 20.69 0.19 -5.13
CA ALA A 223 21.55 0.96 -4.24
C ALA A 223 20.70 1.73 -3.22
N ALA A 224 19.66 2.39 -3.71
CA ALA A 224 18.76 3.15 -2.85
C ALA A 224 18.02 2.17 -1.92
N PHE A 225 17.58 1.05 -2.49
CA PHE A 225 16.86 0.04 -1.75
C PHE A 225 17.67 -0.42 -0.55
N ALA A 226 18.95 -0.71 -0.77
CA ALA A 226 19.79 -1.21 0.32
C ALA A 226 19.98 -0.22 1.49
N ALA A 227 19.84 1.06 1.19
CA ALA A 227 19.98 2.10 2.18
C ALA A 227 18.75 2.28 3.05
N LEU A 228 17.69 1.53 2.77
CA LEU A 228 16.45 1.62 3.52
C LEU A 228 16.39 0.73 4.75
N THR A 229 15.47 1.03 5.66
CA THR A 229 15.28 0.19 6.84
C THR A 229 14.48 -0.98 6.30
N ALA A 230 14.40 -2.07 7.07
CA ALA A 230 13.65 -3.25 6.63
C ALA A 230 12.21 -2.88 6.37
N PHE A 231 11.69 -2.00 7.21
CA PHE A 231 10.30 -1.59 7.09
C PHE A 231 10.01 -0.78 5.83
N ASP A 232 10.96 0.04 5.44
CA ASP A 232 10.80 0.85 4.24
C ASP A 232 11.02 -0.01 3.01
N GLN A 233 11.82 -1.06 3.16
CA GLN A 233 12.07 -1.99 2.05
C GLN A 233 10.83 -2.77 1.68
N ASN A 234 10.04 -3.15 2.68
CA ASN A 234 8.82 -3.91 2.45
C ASN A 234 7.85 -3.23 1.50
N GLN A 235 7.87 -1.91 1.52
CA GLN A 235 7.04 -1.06 0.67
C GLN A 235 7.36 -1.29 -0.81
N PHE A 236 8.60 -1.68 -1.07
CA PHE A 236 9.08 -1.88 -2.44
C PHE A 236 9.34 -3.31 -2.82
N CYS A 237 9.42 -4.18 -1.82
CA CYS A 237 9.73 -5.58 -2.06
C CYS A 237 8.64 -6.54 -1.58
N PRO A 238 8.08 -7.33 -2.50
CA PRO A 238 7.02 -8.31 -2.17
C PRO A 238 7.50 -9.67 -1.66
N CYS A 239 8.77 -9.99 -1.91
CA CYS A 239 9.27 -11.31 -1.53
C CYS A 239 10.79 -11.37 -1.61
N THR A 240 11.39 -12.33 -0.91
CA THR A 240 12.84 -12.52 -0.89
C THR A 240 13.15 -14.02 -0.95
N VAL A 241 14.20 -14.40 -1.66
CA VAL A 241 14.59 -15.81 -1.75
C VAL A 241 15.92 -15.98 -1.03
N HIS A 242 16.02 -17.06 -0.25
CA HIS A 242 17.23 -17.39 0.50
C HIS A 242 17.78 -18.66 -0.04
N ILE A 243 19.08 -18.68 -0.29
CA ILE A 243 19.76 -19.87 -0.79
C ILE A 243 20.87 -20.19 0.20
N GLY A 244 20.76 -21.35 0.87
CA GLY A 244 21.77 -21.78 1.81
C GLY A 244 22.39 -23.12 1.42
N SER A 245 23.52 -23.46 2.04
CA SER A 245 24.18 -24.72 1.74
C SER A 245 25.08 -25.15 2.89
N ASP A 246 25.44 -26.43 2.86
CA ASP A 246 26.34 -27.04 3.84
C ASP A 246 26.67 -28.47 3.41
N GLY A 247 27.41 -29.18 4.24
CA GLY A 247 27.78 -30.56 3.95
C GLY A 247 28.73 -30.72 2.76
N GLY A 248 29.29 -29.61 2.29
CA GLY A 248 30.20 -29.65 1.17
C GLY A 248 31.55 -30.21 1.54
N PRO A 249 32.47 -30.25 0.56
CA PRO A 249 33.81 -30.76 0.80
C PRO A 249 34.71 -29.85 1.66
N ALA A 250 35.84 -30.41 2.10
CA ALA A 250 36.80 -29.66 2.91
C ALA A 250 37.28 -28.44 2.13
N VAL A 251 37.54 -28.61 0.83
CA VAL A 251 37.96 -27.50 -0.01
C VAL A 251 36.70 -27.06 -0.74
N ALA A 252 36.21 -25.88 -0.38
CA ALA A 252 34.98 -25.32 -0.94
C ALA A 252 34.91 -25.38 -2.46
N VAL A 253 33.73 -25.74 -2.97
CA VAL A 253 33.51 -25.86 -4.41
C VAL A 253 32.34 -25.00 -4.87
N PRO A 254 32.54 -24.17 -5.92
CA PRO A 254 31.46 -23.33 -6.43
C PRO A 254 30.41 -24.33 -6.92
N PRO A 255 29.24 -24.34 -6.29
CA PRO A 255 28.15 -25.26 -6.63
C PRO A 255 27.40 -24.98 -7.90
N GLY A 256 26.90 -23.75 -8.02
CA GLY A 256 26.12 -23.37 -9.18
C GLY A 256 25.69 -21.92 -9.13
N ASP A 257 24.72 -21.58 -9.97
CA ASP A 257 24.19 -20.22 -10.08
C ASP A 257 22.67 -20.21 -9.94
N ILE A 258 22.14 -19.03 -9.64
CA ILE A 258 20.71 -18.80 -9.53
C ILE A 258 20.28 -17.88 -10.68
N PHE A 259 19.24 -18.28 -11.40
CA PHE A 259 18.67 -17.52 -12.52
C PHE A 259 17.21 -17.18 -12.18
N PHE A 260 16.71 -16.09 -12.76
CA PHE A 260 15.30 -15.72 -12.60
C PHE A 260 14.73 -15.80 -14.00
N LYS A 261 13.64 -16.53 -14.18
CA LYS A 261 12.98 -16.57 -15.47
C LYS A 261 11.66 -15.89 -15.12
N TYR A 262 11.37 -14.79 -15.81
CA TYR A 262 10.19 -14.01 -15.43
C TYR A 262 9.34 -13.42 -16.53
N VAL A 263 8.18 -12.96 -16.11
CA VAL A 263 7.23 -12.24 -16.94
C VAL A 263 6.83 -11.14 -15.96
N ILE A 264 7.04 -9.90 -16.36
CA ILE A 264 6.71 -8.78 -15.49
C ILE A 264 5.89 -7.77 -16.30
N GLU A 265 4.95 -7.10 -15.63
CA GLU A 265 4.13 -6.11 -16.29
C GLU A 265 4.54 -4.77 -15.72
N LEU A 266 4.78 -3.80 -16.59
CA LEU A 266 5.22 -2.46 -16.21
C LEU A 266 4.22 -1.45 -16.63
N ILE A 267 3.95 -0.46 -15.79
CA ILE A 267 2.98 0.57 -16.15
C ILE A 267 3.47 1.96 -15.78
N GLU A 268 2.83 2.97 -16.34
CA GLU A 268 3.14 4.36 -16.06
C GLU A 268 4.59 4.79 -16.35
N PRO A 269 4.91 5.07 -17.62
CA PRO A 269 6.26 5.49 -18.01
C PRO A 269 6.76 6.69 -17.18
N ILE A 270 8.07 6.82 -17.07
CA ILE A 270 8.66 7.91 -16.32
C ILE A 270 10.13 8.01 -16.70
N ASN A 271 10.65 9.21 -16.64
CA ASN A 271 12.06 9.45 -16.94
C ASN A 271 12.86 8.74 -15.83
N PRO A 272 13.87 7.97 -16.21
CA PRO A 272 14.69 7.25 -15.24
C PRO A 272 15.36 8.14 -14.21
N THR A 273 15.72 9.36 -14.58
CA THR A 273 16.36 10.27 -13.63
C THR A 273 15.40 10.68 -12.50
N MET A 274 14.12 10.79 -12.83
CA MET A 274 13.12 11.14 -11.83
C MET A 274 12.87 9.91 -10.95
N ASN A 275 12.83 8.76 -11.63
CA ASN A 275 12.59 7.44 -11.01
C ASN A 275 13.82 6.92 -10.27
N SER B 88 -2.98 -22.68 1.72
CA SER B 88 -3.94 -21.88 2.56
C SER B 88 -4.53 -22.71 3.72
N THR B 89 -4.29 -22.26 4.93
CA THR B 89 -4.79 -22.92 6.12
C THR B 89 -5.78 -21.94 6.74
N VAL B 90 -6.96 -22.43 7.12
CA VAL B 90 -7.96 -21.57 7.73
C VAL B 90 -8.19 -22.00 9.17
N VAL B 91 -8.00 -21.05 10.08
CA VAL B 91 -8.15 -21.27 11.52
C VAL B 91 -9.36 -20.53 12.04
N SER B 92 -10.12 -21.19 12.88
CA SER B 92 -11.32 -20.61 13.48
C SER B 92 -11.37 -20.99 14.92
N ASN B 93 -11.65 -20.00 15.76
CA ASN B 93 -11.74 -20.23 17.18
C ASN B 93 -12.09 -18.88 17.77
N SER B 94 -12.39 -18.90 19.06
CA SER B 94 -12.68 -17.69 19.80
C SER B 94 -11.82 -17.85 21.04
N GLU B 95 -11.46 -16.74 21.65
CA GLU B 95 -10.64 -16.78 22.85
C GLU B 95 -10.70 -15.45 23.56
N LEU B 96 -10.35 -15.47 24.84
CA LEU B 96 -10.35 -14.29 25.69
C LEU B 96 -9.15 -13.42 25.27
N ILE B 97 -9.42 -12.16 24.98
CA ILE B 97 -8.35 -11.26 24.58
C ILE B 97 -7.93 -10.27 25.67
N LEU B 98 -8.91 -9.64 26.32
CA LEU B 98 -8.59 -8.63 27.30
C LEU B 98 -9.55 -8.53 28.47
N ASN B 99 -9.00 -8.34 29.67
CA ASN B 99 -9.79 -8.14 30.88
C ASN B 99 -9.83 -6.61 30.92
N LEU B 100 -11.02 -6.03 30.85
CA LEU B 100 -11.16 -4.58 30.85
C LEU B 100 -10.86 -3.95 32.19
N THR B 101 -10.27 -2.75 32.15
CA THR B 101 -9.93 -2.03 33.38
C THR B 101 -11.21 -1.73 34.19
N PRO B 102 -11.14 -1.84 35.53
CA PRO B 102 -12.34 -1.56 36.31
C PRO B 102 -12.98 -0.25 35.91
N ILE B 103 -14.30 -0.29 35.76
CA ILE B 103 -15.11 0.86 35.39
C ILE B 103 -15.29 1.75 36.62
N ALA B 104 -14.96 3.02 36.46
CA ALA B 104 -15.03 4.00 37.51
C ALA B 104 -15.69 5.27 36.98
N LEU B 105 -15.84 6.26 37.84
CA LEU B 105 -16.45 7.53 37.46
C LEU B 105 -15.80 8.14 36.20
N ALA B 106 -14.47 8.22 36.21
CA ALA B 106 -13.72 8.77 35.10
C ALA B 106 -13.59 7.79 33.92
N TYR B 107 -13.49 8.36 32.73
CA TYR B 107 -13.35 7.63 31.48
C TYR B 107 -11.97 6.97 31.29
N THR B 108 -11.96 5.76 30.73
CA THR B 108 -10.72 5.02 30.43
C THR B 108 -10.91 4.39 29.06
N VAL B 109 -9.81 4.10 28.38
CA VAL B 109 -9.86 3.44 27.08
C VAL B 109 -8.75 2.46 27.05
N GLN B 110 -8.99 1.38 26.34
CA GLN B 110 -8.00 0.35 26.10
C GLN B 110 -8.13 0.11 24.60
N SER B 111 -7.00 0.00 23.92
CA SER B 111 -7.00 -0.20 22.49
C SER B 111 -6.27 -1.49 22.15
N LEU B 112 -6.74 -2.18 21.11
CA LEU B 112 -6.13 -3.43 20.67
C LEU B 112 -5.89 -3.43 19.16
N PRO B 113 -4.65 -3.72 18.73
CA PRO B 113 -4.44 -3.74 17.27
C PRO B 113 -5.02 -5.08 16.81
N LEU B 114 -5.82 -5.06 15.76
CA LEU B 114 -6.42 -6.27 15.25
C LEU B 114 -5.44 -7.00 14.36
N ILE B 115 -4.48 -7.68 14.99
CA ILE B 115 -3.45 -8.42 14.26
C ILE B 115 -3.47 -9.92 14.65
N ALA B 116 -3.03 -10.77 13.72
CA ALA B 116 -3.02 -12.22 13.91
C ALA B 116 -2.28 -12.71 15.17
N THR B 117 -1.33 -11.89 15.60
CA THR B 117 -0.49 -12.19 16.72
C THR B 117 -0.99 -11.68 18.09
N GLN B 118 -2.12 -10.96 18.08
CA GLN B 118 -2.72 -10.43 19.30
C GLN B 118 -3.34 -11.56 20.18
N PRO B 119 -4.17 -12.44 19.59
CA PRO B 119 -4.74 -13.51 20.44
C PRO B 119 -3.64 -14.50 20.77
N ALA B 120 -3.49 -14.80 22.06
CA ALA B 120 -2.46 -15.73 22.53
C ALA B 120 -2.40 -17.09 21.85
N TRP B 121 -3.53 -17.78 21.77
CA TRP B 121 -3.60 -19.09 21.13
C TRP B 121 -3.28 -19.01 19.62
N LEU B 122 -3.88 -18.05 18.93
CA LEU B 122 -3.66 -17.89 17.49
C LEU B 122 -2.21 -17.46 17.20
N GLY B 123 -1.67 -16.59 18.06
CA GLY B 123 -0.33 -16.08 17.89
C GLY B 123 0.72 -17.14 17.63
N THR B 124 0.64 -18.24 18.38
CA THR B 124 1.62 -19.31 18.21
C THR B 124 1.49 -20.01 16.85
N ILE B 125 0.28 -20.02 16.28
CA ILE B 125 0.08 -20.63 14.98
C ILE B 125 0.55 -19.63 13.90
N ALA B 126 0.29 -18.35 14.15
CA ALA B 126 0.63 -17.28 13.25
C ALA B 126 2.13 -17.15 13.06
N ASP B 127 2.88 -17.34 14.14
CA ASP B 127 4.34 -17.25 14.08
C ASP B 127 4.95 -18.21 13.06
N ASN B 128 4.18 -19.24 12.68
CA ASN B 128 4.59 -20.23 11.71
C ASN B 128 4.27 -19.87 10.26
N TYR B 129 3.64 -18.72 10.04
CA TYR B 129 3.26 -18.26 8.71
C TYR B 129 3.69 -16.82 8.44
N SER B 130 4.07 -16.56 7.18
CA SER B 130 4.52 -15.24 6.76
C SER B 130 3.43 -14.18 6.65
N LYS B 131 2.31 -14.52 6.01
CA LYS B 131 1.22 -13.57 5.83
C LYS B 131 -0.10 -14.13 6.26
N TRP B 132 -1.05 -13.24 6.48
CA TRP B 132 -2.38 -13.63 6.91
C TRP B 132 -3.41 -12.57 6.52
N ARG B 133 -4.68 -12.89 6.78
CA ARG B 133 -5.79 -11.98 6.54
C ARG B 133 -7.00 -12.48 7.31
N TRP B 134 -7.74 -11.56 7.89
CA TRP B 134 -8.95 -11.92 8.60
C TRP B 134 -10.01 -12.24 7.56
N VAL B 135 -10.68 -13.38 7.71
CA VAL B 135 -11.75 -13.75 6.79
C VAL B 135 -13.02 -13.17 7.43
N SER B 136 -13.05 -13.20 8.76
CA SER B 136 -14.13 -12.63 9.55
C SER B 136 -13.60 -12.46 10.97
N LEU B 137 -13.98 -11.34 11.58
CA LEU B 137 -13.56 -11.04 12.94
C LEU B 137 -14.72 -10.38 13.70
N ARG B 138 -15.16 -11.03 14.76
CA ARG B 138 -16.24 -10.52 15.56
C ARG B 138 -15.71 -10.25 16.98
N ILE B 139 -15.82 -9.00 17.42
CA ILE B 139 -15.36 -8.60 18.74
C ILE B 139 -16.58 -8.69 19.69
N ILE B 140 -16.48 -9.58 20.67
CA ILE B 140 -17.55 -9.84 21.60
C ILE B 140 -17.26 -9.36 23.03
N TYR B 141 -18.28 -8.81 23.67
CA TYR B 141 -18.19 -8.35 25.04
C TYR B 141 -18.87 -9.38 25.97
N SER B 142 -18.20 -9.74 27.06
CA SER B 142 -18.77 -10.68 28.04
C SER B 142 -18.79 -9.97 29.40
N PRO B 143 -19.98 -9.84 30.02
CA PRO B 143 -20.07 -9.16 31.32
C PRO B 143 -19.66 -10.05 32.49
N LYS B 144 -19.14 -9.44 33.54
CA LYS B 144 -18.77 -10.19 34.71
C LYS B 144 -18.98 -9.37 35.97
N CYS B 145 -19.75 -8.29 35.88
CA CYS B 145 -20.00 -7.43 37.03
C CYS B 145 -21.44 -7.54 37.58
N PRO B 146 -21.67 -7.16 38.83
CA PRO B 146 -23.04 -7.23 39.36
C PRO B 146 -23.93 -6.29 38.53
N THR B 147 -25.19 -6.63 38.38
CA THR B 147 -26.08 -5.80 37.58
C THR B 147 -26.30 -4.42 38.19
N THR B 148 -25.93 -4.25 39.47
CA THR B 148 -26.09 -2.97 40.14
C THR B 148 -25.02 -1.94 39.76
N THR B 149 -24.07 -2.35 38.94
CA THR B 149 -22.98 -1.49 38.52
C THR B 149 -23.44 -0.38 37.55
N SER B 150 -23.17 0.87 37.91
CA SER B 150 -23.52 1.99 37.07
C SER B 150 -22.41 2.16 36.01
N GLY B 151 -22.69 2.94 34.98
CA GLY B 151 -21.70 3.18 33.95
C GLY B 151 -22.10 2.72 32.57
N THR B 152 -21.28 3.07 31.58
CA THR B 152 -21.52 2.71 30.21
C THR B 152 -20.20 2.36 29.54
N VAL B 153 -20.25 1.37 28.66
CA VAL B 153 -19.08 0.90 27.91
C VAL B 153 -19.34 1.11 26.42
N ALA B 154 -18.28 1.27 25.63
CA ALA B 154 -18.41 1.49 24.19
C ALA B 154 -17.19 0.95 23.44
N MET B 155 -17.41 0.57 22.18
CA MET B 155 -16.34 0.08 21.32
C MET B 155 -16.51 0.81 20.00
N CYS B 156 -15.44 0.95 19.24
CA CYS B 156 -15.47 1.60 17.92
C CYS B 156 -14.17 1.15 17.22
N LEU B 157 -14.05 1.42 15.92
CA LEU B 157 -12.86 1.01 15.18
C LEU B 157 -12.19 2.18 14.48
N SER B 158 -10.87 2.14 14.39
CA SER B 158 -10.07 3.16 13.72
C SER B 158 -9.09 2.43 12.79
N TYR B 159 -8.57 3.13 11.79
CA TYR B 159 -7.72 2.45 10.81
C TYR B 159 -6.37 3.10 10.51
N ASP B 160 -5.84 3.86 11.46
CA ASP B 160 -4.55 4.52 11.31
C ASP B 160 -3.91 4.58 12.69
N ARG B 161 -2.82 3.84 12.87
CA ARG B 161 -2.11 3.78 14.15
C ARG B 161 -1.59 5.14 14.56
N ASN B 162 -1.62 6.09 13.64
CA ASN B 162 -1.16 7.44 13.93
C ASN B 162 -2.29 8.30 14.56
N ASP B 163 -3.49 7.74 14.68
CA ASP B 163 -4.60 8.46 15.28
C ASP B 163 -4.41 8.57 16.79
N VAL B 164 -5.04 9.57 17.40
CA VAL B 164 -4.98 9.71 18.85
C VAL B 164 -6.16 8.87 19.34
N ALA B 165 -6.00 8.13 20.43
CA ALA B 165 -7.13 7.33 20.93
C ALA B 165 -8.23 8.28 21.40
N PRO B 166 -9.50 7.82 21.37
CA PRO B 166 -10.57 8.72 21.81
C PRO B 166 -10.32 9.11 23.27
N GLY B 167 -10.37 10.41 23.52
CA GLY B 167 -10.15 10.93 24.86
C GLY B 167 -11.39 10.96 25.74
N SER B 168 -12.54 10.62 25.20
CA SER B 168 -13.79 10.60 25.93
C SER B 168 -14.73 9.67 25.16
N ARG B 169 -15.83 9.29 25.80
CA ARG B 169 -16.79 8.42 25.14
C ARG B 169 -17.56 9.26 24.12
N VAL B 170 -17.48 10.58 24.23
CA VAL B 170 -18.16 11.44 23.27
C VAL B 170 -17.40 11.34 21.93
N GLN B 171 -16.06 11.28 22.01
CA GLN B 171 -15.20 11.16 20.83
C GLN B 171 -15.29 9.74 20.28
N LEU B 172 -15.25 8.77 21.18
CA LEU B 172 -15.32 7.38 20.82
C LEU B 172 -16.66 7.11 20.13
N SER B 173 -17.74 7.61 20.71
CA SER B 173 -19.10 7.41 20.21
C SER B 173 -19.37 7.88 18.76
N GLN B 174 -18.57 8.82 18.26
CA GLN B 174 -18.71 9.34 16.90
C GLN B 174 -17.91 8.52 15.88
N THR B 175 -17.08 7.62 16.38
CA THR B 175 -16.22 6.81 15.54
C THR B 175 -16.91 5.59 14.99
N TYR B 176 -16.47 5.17 13.80
CA TYR B 176 -17.07 4.04 13.09
C TYR B 176 -17.39 2.80 13.91
N LYS B 177 -18.62 2.31 13.75
CA LYS B 177 -19.12 1.13 14.43
C LYS B 177 -19.27 1.21 15.95
N ALA B 178 -19.33 2.43 16.47
CA ALA B 178 -19.48 2.61 17.90
C ALA B 178 -20.81 2.05 18.39
N ILE B 179 -20.75 1.43 19.56
CA ILE B 179 -21.94 0.89 20.20
C ILE B 179 -21.77 1.13 21.70
N ASN B 180 -22.80 1.71 22.31
CA ASN B 180 -22.81 2.01 23.75
C ASN B 180 -23.73 1.00 24.41
N PHE B 181 -23.31 0.46 25.54
CA PHE B 181 -24.10 -0.54 26.26
C PHE B 181 -23.65 -0.56 27.72
N PRO B 182 -24.51 -1.06 28.62
CA PRO B 182 -24.19 -1.15 30.05
C PRO B 182 -23.19 -2.28 30.31
N PRO B 183 -22.42 -2.21 31.40
CA PRO B 183 -21.43 -3.25 31.72
C PRO B 183 -21.96 -4.67 31.97
N TYR B 184 -23.26 -4.83 32.22
CA TYR B 184 -23.86 -6.14 32.44
C TYR B 184 -24.58 -6.62 31.18
N ALA B 185 -24.48 -5.88 30.09
CA ALA B 185 -25.15 -6.29 28.83
C ALA B 185 -24.56 -7.58 28.29
N GLY B 186 -25.39 -8.38 27.62
CA GLY B 186 -24.93 -9.62 27.01
C GLY B 186 -24.93 -10.87 27.85
N TYR B 187 -25.44 -10.81 29.08
CA TYR B 187 -25.43 -12.00 29.96
C TYR B 187 -26.27 -13.14 29.42
N ASP B 188 -27.19 -12.81 28.51
CA ASP B 188 -28.10 -13.77 27.91
C ASP B 188 -27.70 -14.26 26.51
N GLY B 189 -26.50 -13.94 26.06
CA GLY B 189 -26.07 -14.37 24.74
C GLY B 189 -24.72 -15.05 24.64
N ALA B 190 -24.33 -15.77 25.69
CA ALA B 190 -23.03 -16.48 25.75
C ALA B 190 -22.83 -17.50 24.64
N ALA B 191 -23.92 -18.07 24.13
CA ALA B 191 -23.83 -19.08 23.07
C ALA B 191 -23.05 -18.59 21.85
N ILE B 192 -23.04 -17.30 21.62
CA ILE B 192 -22.34 -16.73 20.48
C ILE B 192 -20.86 -17.12 20.51
N LEU B 193 -20.34 -17.46 21.68
CA LEU B 193 -18.93 -17.81 21.84
C LEU B 193 -18.57 -19.20 21.34
N ASN B 194 -19.48 -20.15 21.43
CA ASN B 194 -19.14 -21.50 21.00
C ASN B 194 -20.06 -22.13 19.96
N THR B 195 -20.94 -21.34 19.36
CA THR B 195 -21.86 -21.87 18.36
C THR B 195 -21.98 -20.87 17.22
N ASP B 196 -22.61 -21.27 16.13
CA ASP B 196 -22.78 -20.36 15.00
C ASP B 196 -24.04 -19.52 15.12
N VAL B 197 -24.59 -19.47 16.32
CA VAL B 197 -25.78 -18.72 16.59
C VAL B 197 -25.40 -17.30 16.99
N THR B 198 -26.28 -16.36 16.68
CA THR B 198 -26.07 -14.98 17.06
C THR B 198 -27.27 -14.61 17.93
N PRO B 199 -27.16 -14.82 19.25
CA PRO B 199 -28.25 -14.49 20.15
C PRO B 199 -28.63 -13.00 20.07
N THR B 200 -29.92 -12.73 20.17
CA THR B 200 -30.45 -11.39 20.11
C THR B 200 -29.83 -10.37 21.08
N SER B 201 -29.49 -10.84 22.27
CA SER B 201 -28.94 -10.01 23.32
C SER B 201 -27.41 -9.89 23.35
N ALA B 202 -26.72 -10.57 22.44
CA ALA B 202 -25.27 -10.54 22.40
C ALA B 202 -24.76 -9.18 21.99
N ILE B 203 -23.67 -8.74 22.63
CA ILE B 203 -23.04 -7.47 22.34
C ILE B 203 -21.76 -7.77 21.56
N TYR B 204 -21.65 -7.26 20.33
CA TYR B 204 -20.47 -7.50 19.49
C TYR B 204 -20.34 -6.49 18.36
N VAL B 205 -19.17 -6.48 17.73
CA VAL B 205 -18.92 -5.61 16.60
C VAL B 205 -18.25 -6.46 15.52
N ASP B 206 -18.82 -6.41 14.32
CA ASP B 206 -18.23 -7.12 13.19
C ASP B 206 -17.31 -6.14 12.46
N VAL B 207 -16.07 -6.54 12.25
CA VAL B 207 -15.10 -5.69 11.57
C VAL B 207 -15.34 -5.72 10.05
N ASP B 208 -15.32 -4.56 9.40
CA ASP B 208 -15.50 -4.48 7.95
C ASP B 208 -14.20 -4.92 7.25
N VAL B 209 -13.92 -6.20 7.41
CA VAL B 209 -12.76 -6.88 6.87
C VAL B 209 -12.53 -6.68 5.36
N THR B 210 -13.59 -6.40 4.61
CA THR B 210 -13.44 -6.19 3.17
C THR B 210 -12.98 -4.78 2.78
N ARG B 211 -12.78 -3.89 3.76
CA ARG B 211 -12.38 -2.54 3.45
C ARG B 211 -11.03 -2.15 4.02
N PHE B 212 -10.15 -3.13 4.17
CA PHE B 212 -8.79 -2.89 4.63
C PHE B 212 -7.99 -2.38 3.41
N ASP B 213 -6.89 -1.70 3.66
CA ASP B 213 -6.10 -1.13 2.57
C ASP B 213 -5.26 -2.09 1.73
N LYS B 214 -4.90 -3.24 2.30
CA LYS B 214 -4.08 -4.23 1.61
C LYS B 214 -4.76 -5.55 1.62
N ALA B 215 -4.26 -6.45 0.76
CA ALA B 215 -4.80 -7.80 0.62
C ALA B 215 -4.34 -8.77 1.68
N TRP B 216 -3.06 -8.67 2.05
CA TRP B 216 -2.45 -9.53 3.04
C TRP B 216 -1.59 -8.67 3.97
N TYR B 217 -1.37 -9.16 5.18
CA TYR B 217 -0.54 -8.45 6.13
C TYR B 217 0.47 -9.41 6.61
N SER B 218 1.67 -8.92 6.84
CA SER B 218 2.77 -9.73 7.30
C SER B 218 2.66 -9.93 8.82
N THR B 219 3.03 -11.13 9.26
CA THR B 219 3.02 -11.49 10.68
C THR B 219 4.22 -10.81 11.36
N ILE B 220 3.96 -10.27 12.54
CA ILE B 220 4.97 -9.64 13.35
C ILE B 220 4.54 -9.88 14.75
N GLY B 221 5.52 -10.14 15.61
CA GLY B 221 5.22 -10.37 17.02
C GLY B 221 4.76 -9.11 17.71
N THR B 222 3.94 -9.29 18.72
CA THR B 222 3.37 -8.20 19.51
C THR B 222 4.37 -7.17 20.07
N ALA B 223 5.47 -7.66 20.64
CA ALA B 223 6.48 -6.79 21.21
C ALA B 223 7.28 -6.06 20.11
N ALA B 224 7.49 -6.72 18.99
CA ALA B 224 8.22 -6.07 17.91
C ALA B 224 7.35 -4.95 17.37
N PHE B 225 6.05 -5.21 17.28
CA PHE B 225 5.07 -4.26 16.80
C PHE B 225 5.06 -2.99 17.66
N ALA B 226 4.99 -3.18 18.98
CA ALA B 226 4.97 -2.07 19.94
C ALA B 226 6.14 -1.09 19.77
N ALA B 227 7.30 -1.61 19.40
CA ALA B 227 8.50 -0.80 19.24
C ALA B 227 8.57 0.01 17.95
N LEU B 228 7.59 -0.15 17.08
CA LEU B 228 7.59 0.57 15.81
C LEU B 228 6.92 1.93 15.89
N THR B 229 7.19 2.78 14.90
CA THR B 229 6.55 4.07 14.85
C THR B 229 5.13 3.78 14.37
N ALA B 230 4.22 4.72 14.59
CA ALA B 230 2.82 4.53 14.17
C ALA B 230 2.77 4.20 12.67
N PHE B 231 3.65 4.84 11.93
CA PHE B 231 3.68 4.65 10.49
C PHE B 231 4.10 3.28 10.07
N ASP B 232 5.06 2.72 10.79
CA ASP B 232 5.53 1.38 10.49
C ASP B 232 4.52 0.34 10.97
N GLN B 233 3.78 0.67 12.02
CA GLN B 233 2.76 -0.22 12.54
C GLN B 233 1.64 -0.37 11.50
N ASN B 234 1.35 0.71 10.77
CA ASN B 234 0.30 0.69 9.76
C ASN B 234 0.52 -0.38 8.68
N GLN B 235 1.77 -0.75 8.41
CA GLN B 235 2.01 -1.76 7.39
C GLN B 235 1.64 -3.17 7.87
N PHE B 236 1.60 -3.35 9.18
CA PHE B 236 1.29 -4.64 9.75
C PHE B 236 -0.11 -4.72 10.34
N CYS B 237 -0.76 -3.58 10.51
CA CYS B 237 -2.07 -3.58 11.16
C CYS B 237 -3.14 -2.89 10.37
N PRO B 238 -4.23 -3.60 10.06
CA PRO B 238 -5.33 -3.01 9.27
C PRO B 238 -6.39 -2.25 10.08
N CYS B 239 -6.50 -2.57 11.36
CA CYS B 239 -7.55 -1.96 12.18
C CYS B 239 -7.23 -2.05 13.67
N THR B 240 -7.80 -1.15 14.45
CA THR B 240 -7.60 -1.12 15.89
C THR B 240 -8.96 -0.88 16.54
N VAL B 241 -9.23 -1.61 17.63
CA VAL B 241 -10.49 -1.46 18.36
C VAL B 241 -10.21 -0.74 19.69
N HIS B 242 -11.10 0.18 20.06
CA HIS B 242 -10.96 0.92 21.32
C HIS B 242 -12.15 0.60 22.21
N ILE B 243 -11.90 0.33 23.47
CA ILE B 243 -12.97 0.03 24.41
C ILE B 243 -12.81 1.01 25.57
N GLY B 244 -13.79 1.90 25.73
CA GLY B 244 -13.77 2.89 26.78
C GLY B 244 -14.99 2.79 27.67
N SER B 245 -14.91 3.36 28.87
CA SER B 245 -16.01 3.31 29.83
C SER B 245 -15.96 4.52 30.71
N ASP B 246 -17.06 4.79 31.40
CA ASP B 246 -17.16 5.91 32.34
C ASP B 246 -18.43 5.74 33.15
N GLY B 247 -18.61 6.56 34.19
CA GLY B 247 -19.81 6.47 34.99
C GLY B 247 -19.85 5.31 35.96
N GLY B 248 -18.71 4.65 36.15
CA GLY B 248 -18.68 3.53 37.07
C GLY B 248 -18.86 4.01 38.51
N PRO B 249 -18.91 3.10 39.47
CA PRO B 249 -19.09 3.45 40.88
C PRO B 249 -17.83 3.95 41.57
N ALA B 250 -18.01 4.50 42.77
CA ALA B 250 -16.91 5.05 43.58
C ALA B 250 -15.76 4.05 43.76
N VAL B 251 -16.11 2.79 43.95
CA VAL B 251 -15.14 1.73 44.09
C VAL B 251 -15.25 1.05 42.74
N ALA B 252 -14.23 1.21 41.89
CA ALA B 252 -14.19 0.65 40.54
C ALA B 252 -14.48 -0.82 40.53
N VAL B 253 -15.16 -1.24 39.46
CA VAL B 253 -15.55 -2.62 39.33
C VAL B 253 -15.15 -3.18 37.97
N PRO B 254 -14.54 -4.37 37.94
CA PRO B 254 -14.13 -4.99 36.67
C PRO B 254 -15.46 -5.21 35.92
N PRO B 255 -15.63 -4.59 34.74
CA PRO B 255 -16.88 -4.72 34.00
C PRO B 255 -17.14 -6.02 33.23
N GLY B 256 -16.15 -6.45 32.45
CA GLY B 256 -16.28 -7.63 31.65
C GLY B 256 -15.04 -7.81 30.85
N ASP B 257 -15.06 -8.77 29.92
CA ASP B 257 -13.92 -9.09 29.07
C ASP B 257 -14.27 -8.94 27.60
N ILE B 258 -13.20 -8.93 26.80
CA ILE B 258 -13.30 -8.81 25.34
C ILE B 258 -12.76 -10.10 24.70
N PHE B 259 -13.59 -10.70 23.85
CA PHE B 259 -13.25 -11.93 23.16
C PHE B 259 -13.24 -11.69 21.65
N PHE B 260 -12.46 -12.47 20.92
CA PHE B 260 -12.45 -12.37 19.47
C PHE B 260 -12.94 -13.72 18.98
N LYS B 261 -13.86 -13.72 18.02
CA LYS B 261 -14.32 -14.96 17.41
C LYS B 261 -13.86 -14.68 15.98
N TYR B 262 -12.94 -15.48 15.49
CA TYR B 262 -12.39 -15.22 14.18
C TYR B 262 -12.27 -16.39 13.22
N VAL B 263 -12.11 -16.05 11.96
CA VAL B 263 -11.82 -17.01 10.91
C VAL B 263 -10.68 -16.28 10.21
N ILE B 264 -9.49 -16.87 10.22
CA ILE B 264 -8.31 -16.24 9.62
C ILE B 264 -7.68 -17.19 8.58
N GLU B 265 -7.15 -16.62 7.51
CA GLU B 265 -6.50 -17.41 6.48
C GLU B 265 -4.99 -17.11 6.56
N LEU B 266 -4.20 -18.17 6.70
CA LEU B 266 -2.74 -18.09 6.84
C LEU B 266 -2.06 -18.75 5.64
N ILE B 267 -1.02 -18.10 5.11
CA ILE B 267 -0.28 -18.63 3.96
C ILE B 267 1.22 -18.49 4.13
N GLU B 268 1.94 -19.25 3.31
CA GLU B 268 3.40 -19.24 3.29
C GLU B 268 4.13 -19.60 4.60
N PRO B 269 4.22 -20.89 4.90
CA PRO B 269 4.87 -21.36 6.11
C PRO B 269 6.26 -20.72 6.28
N ILE B 270 6.69 -20.60 7.52
CA ILE B 270 8.00 -20.03 7.80
C ILE B 270 8.44 -20.47 9.17
N ASN B 271 9.76 -20.63 9.34
CA ASN B 271 10.31 -21.00 10.64
C ASN B 271 10.05 -19.81 11.57
N PRO B 272 9.44 -20.05 12.74
CA PRO B 272 9.13 -18.99 13.71
C PRO B 272 10.30 -18.07 14.14
N THR B 273 11.51 -18.59 14.17
CA THR B 273 12.68 -17.80 14.55
C THR B 273 13.01 -16.77 13.49
N MET B 274 12.81 -17.14 12.24
CA MET B 274 13.05 -16.21 11.13
C MET B 274 11.99 -15.14 11.12
N ASN B 275 10.76 -15.55 11.45
CA ASN B 275 9.57 -14.70 11.41
C ASN B 275 9.37 -13.74 12.59
N VAL B 276 9.06 -14.34 13.72
CA VAL B 276 8.79 -13.60 14.94
C VAL B 276 9.90 -13.77 15.98
N GLY C 57 -10.24 15.72 -39.64
CA GLY C 57 -9.52 16.92 -39.12
C GLY C 57 -8.61 17.56 -40.17
N VAL C 58 -7.97 18.67 -39.82
CA VAL C 58 -7.09 19.38 -40.75
C VAL C 58 -5.93 18.54 -41.27
N SER C 59 -5.47 17.60 -40.46
CA SER C 59 -4.36 16.76 -40.85
C SER C 59 -4.70 15.70 -41.88
N ARG C 60 -5.98 15.56 -42.20
CA ARG C 60 -6.41 14.57 -43.20
C ARG C 60 -7.11 15.24 -44.37
N ALA C 61 -7.95 16.22 -44.06
CA ALA C 61 -8.72 16.94 -45.07
C ALA C 61 -8.30 18.38 -45.32
N GLY C 62 -7.30 18.87 -44.60
CA GLY C 62 -6.88 20.25 -44.76
C GLY C 62 -7.86 21.15 -44.04
N GLY C 63 -7.59 22.45 -44.05
CA GLY C 63 -8.48 23.40 -43.40
C GLY C 63 -7.74 24.72 -43.24
N PHE C 64 -8.06 25.45 -42.18
CA PHE C 64 -7.37 26.70 -41.93
C PHE C 64 -7.48 26.95 -40.43
N VAL C 65 -6.54 27.71 -39.89
CA VAL C 65 -6.54 28.03 -38.47
C VAL C 65 -6.44 29.52 -38.33
N THR C 66 -7.06 30.04 -37.28
CA THR C 66 -7.02 31.46 -36.97
C THR C 66 -6.77 31.52 -35.46
N ALA C 67 -6.40 32.70 -34.98
CA ALA C 67 -6.15 32.88 -33.56
C ALA C 67 -6.68 34.22 -33.12
N PRO C 68 -7.38 34.25 -31.96
CA PRO C 68 -7.92 35.50 -31.43
C PRO C 68 -6.82 36.16 -30.58
N VAL C 69 -7.11 37.33 -30.03
CA VAL C 69 -6.13 38.04 -29.21
C VAL C 69 -5.95 37.25 -27.92
N ILE C 70 -7.07 36.73 -27.41
CA ILE C 70 -7.08 35.99 -26.16
C ILE C 70 -8.40 35.23 -25.99
N GLY C 71 -8.40 34.27 -25.07
CA GLY C 71 -9.59 33.50 -24.79
C GLY C 71 -9.48 32.94 -23.38
N ALA C 72 -10.59 32.85 -22.67
CA ALA C 72 -10.56 32.31 -21.30
C ALA C 72 -11.90 31.76 -20.88
N MET C 73 -11.89 30.82 -19.95
CA MET C 73 -13.12 30.23 -19.46
C MET C 73 -13.81 31.17 -18.48
N VAL C 74 -15.09 30.94 -18.28
CA VAL C 74 -15.86 31.66 -17.29
C VAL C 74 -16.44 30.46 -16.55
N THR C 75 -16.10 30.30 -15.29
CA THR C 75 -16.56 29.15 -14.53
C THR C 75 -17.99 29.26 -14.02
N ARG C 76 -18.74 28.20 -14.27
CA ARG C 76 -20.12 28.15 -13.81
C ARG C 76 -20.17 28.03 -12.28
N PRO C 77 -21.05 28.81 -11.62
CA PRO C 77 -21.15 28.73 -10.16
C PRO C 77 -21.78 27.37 -9.77
N THR C 78 -21.19 26.72 -8.78
CA THR C 78 -21.68 25.43 -8.35
C THR C 78 -21.56 25.22 -6.84
N VAL C 79 -22.12 24.12 -6.35
CA VAL C 79 -22.09 23.79 -4.93
C VAL C 79 -21.61 22.33 -4.85
N PRO C 80 -20.75 22.00 -3.87
CA PRO C 80 -20.28 20.60 -3.76
C PRO C 80 -21.47 19.70 -3.47
N ARG C 81 -21.55 18.57 -4.16
CA ARG C 81 -22.65 17.66 -4.01
C ARG C 81 -22.26 16.46 -3.18
N PHE C 82 -23.15 16.10 -2.25
CA PHE C 82 -22.97 14.97 -1.36
C PHE C 82 -23.95 13.87 -1.71
N GLY C 83 -23.50 12.64 -1.51
CA GLY C 83 -24.33 11.49 -1.76
C GLY C 83 -23.91 10.34 -0.87
N MET C 84 -24.82 9.41 -0.61
CA MET C 84 -24.51 8.25 0.20
C MET C 84 -24.53 7.04 -0.75
N ARG C 85 -23.62 6.12 -0.55
CA ARG C 85 -23.57 4.92 -1.34
C ARG C 85 -23.43 3.85 -0.24
N GLY C 86 -24.57 3.49 0.33
CA GLY C 86 -24.59 2.54 1.41
C GLY C 86 -24.12 3.32 2.63
N ASN C 87 -23.02 2.85 3.21
CA ASN C 87 -22.40 3.49 4.37
C ASN C 87 -21.37 4.53 3.95
N SER C 88 -21.11 4.60 2.64
CA SER C 88 -20.13 5.52 2.04
C SER C 88 -20.69 6.90 1.72
N THR C 89 -19.87 7.92 1.93
CA THR C 89 -20.28 9.28 1.61
C THR C 89 -19.49 9.64 0.36
N VAL C 90 -20.19 10.09 -0.66
CA VAL C 90 -19.54 10.46 -1.92
C VAL C 90 -19.64 11.95 -2.13
N VAL C 91 -18.51 12.59 -2.38
CA VAL C 91 -18.44 14.02 -2.63
C VAL C 91 -17.98 14.24 -4.08
N SER C 92 -18.70 15.08 -4.79
CA SER C 92 -18.39 15.42 -6.18
C SER C 92 -18.26 16.94 -6.21
N ASN C 93 -17.16 17.43 -6.74
CA ASN C 93 -16.95 18.87 -6.73
C ASN C 93 -15.73 19.23 -7.58
N SER C 94 -15.53 20.51 -7.83
CA SER C 94 -14.39 20.99 -8.58
C SER C 94 -13.78 22.08 -7.72
N GLU C 95 -12.46 22.22 -7.76
CA GLU C 95 -11.78 23.25 -6.96
C GLU C 95 -10.56 23.80 -7.68
N LEU C 96 -10.38 25.11 -7.60
CA LEU C 96 -9.21 25.80 -8.15
C LEU C 96 -8.16 25.37 -7.14
N ILE C 97 -7.07 24.81 -7.63
CA ILE C 97 -6.05 24.31 -6.73
C ILE C 97 -4.78 25.10 -6.78
N LEU C 98 -4.39 25.57 -7.95
CA LEU C 98 -3.10 26.25 -8.00
C LEU C 98 -2.96 27.29 -9.07
N ASN C 99 -2.29 28.39 -8.71
CA ASN C 99 -1.98 29.47 -9.65
C ASN C 99 -0.55 29.11 -10.10
N LEU C 100 -0.34 28.97 -11.39
CA LEU C 100 0.98 28.60 -11.86
C LEU C 100 1.98 29.73 -11.84
N THR C 101 3.24 29.35 -11.68
CA THR C 101 4.36 30.29 -11.66
C THR C 101 4.42 30.93 -13.03
N PRO C 102 4.68 32.25 -13.08
CA PRO C 102 4.74 32.94 -14.37
C PRO C 102 5.72 32.23 -15.31
N ILE C 103 5.27 31.95 -16.54
CA ILE C 103 6.11 31.28 -17.53
C ILE C 103 7.20 32.25 -18.03
N ALA C 104 8.43 31.76 -18.07
CA ALA C 104 9.54 32.55 -18.55
C ALA C 104 10.39 31.64 -19.41
N LEU C 105 11.54 32.14 -19.83
CA LEU C 105 12.43 31.37 -20.68
C LEU C 105 12.92 30.08 -20.04
N ALA C 106 13.44 30.20 -18.83
CA ALA C 106 13.95 29.06 -18.09
C ALA C 106 12.84 28.12 -17.61
N TYR C 107 13.19 26.88 -17.40
CA TYR C 107 12.25 25.88 -16.94
C TYR C 107 11.96 26.01 -15.45
N THR C 108 10.75 25.65 -15.05
CA THR C 108 10.35 25.69 -13.66
C THR C 108 9.28 24.59 -13.49
N VAL C 109 9.11 24.05 -12.28
CA VAL C 109 8.09 23.03 -12.02
C VAL C 109 7.43 23.24 -10.67
N GLN C 110 6.21 22.74 -10.57
CA GLN C 110 5.43 22.78 -9.32
C GLN C 110 4.82 21.38 -9.22
N SER C 111 4.66 20.90 -8.01
CA SER C 111 4.11 19.57 -7.81
C SER C 111 3.08 19.60 -6.70
N LEU C 112 2.11 18.71 -6.78
CA LEU C 112 1.05 18.61 -5.78
C LEU C 112 0.74 17.15 -5.51
N PRO C 113 0.68 16.76 -4.24
CA PRO C 113 0.36 15.37 -3.94
C PRO C 113 -1.17 15.22 -4.14
N LEU C 114 -1.59 14.13 -4.74
CA LEU C 114 -3.02 13.93 -4.97
C LEU C 114 -3.69 13.18 -3.81
N ILE C 115 -3.82 13.87 -2.69
CA ILE C 115 -4.46 13.33 -1.48
C ILE C 115 -5.77 14.09 -1.21
N ALA C 116 -6.67 13.44 -0.48
CA ALA C 116 -8.01 13.98 -0.18
C ALA C 116 -8.03 15.32 0.52
N THR C 117 -6.96 15.58 1.24
CA THR C 117 -6.80 16.76 2.02
C THR C 117 -6.14 17.95 1.25
N GLN C 118 -5.63 17.68 0.04
CA GLN C 118 -5.01 18.72 -0.76
C GLN C 118 -6.03 19.82 -1.14
N PRO C 119 -7.23 19.44 -1.65
CA PRO C 119 -8.17 20.51 -1.97
C PRO C 119 -8.68 21.00 -0.62
N ALA C 120 -8.50 22.29 -0.34
CA ALA C 120 -8.92 22.88 0.94
C ALA C 120 -10.36 22.64 1.40
N TRP C 121 -11.32 22.82 0.50
CA TRP C 121 -12.70 22.61 0.88
C TRP C 121 -12.97 21.13 1.24
N LEU C 122 -12.52 20.20 0.39
CA LEU C 122 -12.71 18.76 0.62
C LEU C 122 -12.01 18.37 1.91
N GLY C 123 -10.80 18.90 2.09
CA GLY C 123 -9.98 18.60 3.26
C GLY C 123 -10.73 18.57 4.56
N THR C 124 -11.61 19.56 4.76
CA THR C 124 -12.44 19.67 5.96
C THR C 124 -13.33 18.44 6.12
N ILE C 125 -14.02 18.06 5.03
CA ILE C 125 -14.92 16.90 5.09
C ILE C 125 -14.15 15.61 5.39
N ALA C 126 -12.95 15.50 4.85
CA ALA C 126 -12.08 14.32 5.04
C ALA C 126 -11.61 14.10 6.47
N ASP C 127 -11.52 15.17 7.24
CA ASP C 127 -11.12 15.08 8.64
C ASP C 127 -12.06 14.19 9.46
N ASN C 128 -13.30 14.08 9.04
CA ASN C 128 -14.27 13.27 9.73
C ASN C 128 -14.33 11.80 9.26
N TYR C 129 -13.42 11.39 8.38
CA TYR C 129 -13.40 10.03 7.85
C TYR C 129 -12.01 9.42 7.92
N SER C 130 -11.95 8.12 8.22
CA SER C 130 -10.66 7.44 8.32
C SER C 130 -10.01 7.10 6.99
N LYS C 131 -10.78 6.58 6.04
CA LYS C 131 -10.25 6.18 4.74
C LYS C 131 -10.98 6.78 3.54
N TRP C 132 -10.32 6.79 2.39
CA TRP C 132 -10.90 7.39 1.20
C TRP C 132 -10.23 6.82 -0.01
N ARG C 133 -10.83 7.09 -1.16
CA ARG C 133 -10.30 6.68 -2.46
C ARG C 133 -10.91 7.57 -3.52
N TRP C 134 -10.10 7.96 -4.50
CA TRP C 134 -10.56 8.78 -5.62
C TRP C 134 -11.40 7.89 -6.51
N VAL C 135 -12.60 8.33 -6.85
CA VAL C 135 -13.48 7.57 -7.76
C VAL C 135 -13.06 8.02 -9.16
N SER C 136 -12.76 9.32 -9.26
CA SER C 136 -12.29 9.92 -10.50
C SER C 136 -11.59 11.23 -10.14
N LEU C 137 -10.52 11.53 -10.87
CA LEU C 137 -9.76 12.75 -10.64
C LEU C 137 -9.29 13.23 -11.99
N ARG C 138 -9.79 14.38 -12.40
CA ARG C 138 -9.43 15.00 -13.67
C ARG C 138 -8.76 16.35 -13.36
N ILE C 139 -7.51 16.52 -13.81
CA ILE C 139 -6.76 17.75 -13.61
C ILE C 139 -6.95 18.61 -14.87
N ILE C 140 -7.47 19.81 -14.68
CA ILE C 140 -7.79 20.71 -15.79
C ILE C 140 -7.02 22.01 -15.84
N TYR C 141 -6.61 22.42 -17.03
CA TYR C 141 -5.89 23.68 -17.18
C TYR C 141 -6.79 24.80 -17.68
N SER C 142 -6.58 25.98 -17.12
CA SER C 142 -7.34 27.17 -17.48
C SER C 142 -6.37 28.32 -17.74
N PRO C 143 -6.25 28.75 -19.01
CA PRO C 143 -5.35 29.84 -19.40
C PRO C 143 -5.79 31.22 -18.90
N LYS C 144 -4.82 32.13 -18.75
CA LYS C 144 -5.12 33.49 -18.31
C LYS C 144 -4.18 34.50 -19.00
N CYS C 145 -3.63 34.13 -20.16
CA CYS C 145 -2.73 34.98 -20.89
C CYS C 145 -3.11 35.03 -22.38
N PRO C 146 -2.72 36.11 -23.08
CA PRO C 146 -2.99 36.30 -24.51
C PRO C 146 -2.23 35.33 -25.44
N THR C 147 -2.72 35.17 -26.66
CA THR C 147 -2.11 34.25 -27.63
C THR C 147 -0.71 34.67 -28.12
N THR C 148 -0.22 35.79 -27.62
CA THR C 148 1.11 36.28 -27.98
C THR C 148 2.17 35.73 -27.02
N THR C 149 1.74 34.96 -26.02
CA THR C 149 2.67 34.39 -25.05
C THR C 149 3.35 33.14 -25.61
N SER C 150 4.67 33.19 -25.71
CA SER C 150 5.43 32.06 -26.22
C SER C 150 5.61 31.05 -25.09
N GLY C 151 6.09 29.86 -25.44
CA GLY C 151 6.33 28.85 -24.43
C GLY C 151 5.45 27.63 -24.43
N THR C 152 5.75 26.75 -23.47
CA THR C 152 5.01 25.51 -23.32
C THR C 152 4.83 25.18 -21.84
N VAL C 153 3.62 24.76 -21.48
CA VAL C 153 3.31 24.32 -20.14
C VAL C 153 3.06 22.81 -20.31
N ALA C 154 3.52 22.01 -19.36
CA ALA C 154 3.31 20.56 -19.44
C ALA C 154 2.97 19.99 -18.07
N MET C 155 2.21 18.89 -18.05
CA MET C 155 1.82 18.23 -16.80
C MET C 155 2.09 16.75 -16.97
N CYS C 156 2.32 16.03 -15.88
CA CYS C 156 2.54 14.57 -15.97
C CYS C 156 2.30 14.00 -14.58
N LEU C 157 2.29 12.68 -14.45
CA LEU C 157 2.04 12.03 -13.17
C LEU C 157 3.17 11.12 -12.70
N SER C 158 3.40 11.08 -11.37
CA SER C 158 4.40 10.19 -10.77
C SER C 158 3.74 9.47 -9.59
N TYR C 159 4.34 8.37 -9.14
CA TYR C 159 3.73 7.54 -8.12
C TYR C 159 4.65 7.11 -6.98
N ASP C 160 5.68 7.91 -6.71
CA ASP C 160 6.61 7.61 -5.62
C ASP C 160 7.11 8.94 -5.12
N ARG C 161 6.77 9.27 -3.88
CA ARG C 161 7.18 10.53 -3.26
C ARG C 161 8.68 10.65 -3.10
N ASN C 162 9.40 9.58 -3.40
CA ASN C 162 10.85 9.59 -3.32
C ASN C 162 11.43 10.03 -4.66
N ASP C 163 10.57 10.16 -5.67
CA ASP C 163 10.99 10.56 -6.99
C ASP C 163 11.53 11.98 -6.96
N VAL C 164 12.37 12.33 -7.95
CA VAL C 164 12.89 13.69 -8.09
C VAL C 164 11.98 14.29 -9.18
N ALA C 165 11.56 15.53 -9.01
CA ALA C 165 10.67 16.19 -9.99
C ALA C 165 11.37 16.31 -11.33
N PRO C 166 10.61 16.36 -12.44
CA PRO C 166 11.23 16.48 -13.76
C PRO C 166 12.09 17.73 -13.80
N GLY C 167 13.34 17.56 -14.21
CA GLY C 167 14.27 18.67 -14.27
C GLY C 167 14.20 19.44 -15.57
N SER C 168 13.45 18.94 -16.54
CA SER C 168 13.32 19.65 -17.82
C SER C 168 12.05 19.18 -18.49
N ARG C 169 11.64 19.86 -19.56
CA ARG C 169 10.45 19.48 -20.26
C ARG C 169 10.62 18.15 -21.00
N VAL C 170 11.85 17.80 -21.35
CA VAL C 170 12.09 16.52 -22.03
C VAL C 170 11.85 15.38 -21.01
N GLN C 171 12.33 15.55 -19.79
CA GLN C 171 12.12 14.55 -18.77
C GLN C 171 10.64 14.38 -18.47
N LEU C 172 9.95 15.51 -18.34
CA LEU C 172 8.52 15.54 -18.07
C LEU C 172 7.74 14.85 -19.20
N SER C 173 8.10 15.13 -20.45
CA SER C 173 7.40 14.56 -21.60
C SER C 173 7.45 13.04 -21.75
N GLN C 174 8.51 12.41 -21.22
CA GLN C 174 8.66 10.96 -21.33
C GLN C 174 7.71 10.27 -20.35
N THR C 175 7.36 10.99 -19.29
CA THR C 175 6.52 10.51 -18.23
C THR C 175 5.05 10.32 -18.57
N TYR C 176 4.41 9.45 -17.80
CA TYR C 176 3.01 9.10 -17.96
C TYR C 176 2.04 10.28 -17.97
N LYS C 177 1.16 10.27 -18.97
CA LYS C 177 0.15 11.28 -19.13
C LYS C 177 0.62 12.67 -19.49
N ALA C 178 1.92 12.82 -19.76
CA ALA C 178 2.48 14.12 -20.10
C ALA C 178 1.72 14.72 -21.26
N ILE C 179 1.34 15.98 -21.08
CA ILE C 179 0.64 16.73 -22.13
C ILE C 179 1.33 18.09 -22.17
N ASN C 180 1.79 18.48 -23.36
CA ASN C 180 2.47 19.76 -23.57
C ASN C 180 1.51 20.65 -24.33
N PHE C 181 1.49 21.95 -23.99
CA PHE C 181 0.55 22.88 -24.61
C PHE C 181 0.93 24.33 -24.41
N PRO C 182 0.48 25.21 -25.32
CA PRO C 182 0.79 26.63 -25.22
C PRO C 182 0.10 27.16 -23.96
N PRO C 183 0.70 28.14 -23.26
CA PRO C 183 0.06 28.69 -22.04
C PRO C 183 -1.28 29.41 -22.27
N TYR C 184 -1.52 29.89 -23.49
CA TYR C 184 -2.73 30.61 -23.85
C TYR C 184 -3.90 29.73 -24.31
N ALA C 185 -3.66 28.45 -24.46
CA ALA C 185 -4.68 27.53 -24.95
C ALA C 185 -5.54 26.92 -23.85
N GLY C 186 -6.62 26.27 -24.26
CA GLY C 186 -7.47 25.61 -23.29
C GLY C 186 -8.84 26.18 -23.06
N TYR C 187 -9.05 27.43 -23.45
CA TYR C 187 -10.35 28.09 -23.27
C TYR C 187 -11.49 27.45 -24.04
N ASP C 188 -11.19 26.95 -25.24
CA ASP C 188 -12.20 26.30 -26.08
C ASP C 188 -12.78 25.06 -25.41
N GLY C 189 -12.05 24.51 -24.44
CA GLY C 189 -12.52 23.31 -23.77
C GLY C 189 -13.18 23.56 -22.44
N ALA C 190 -13.75 24.76 -22.26
CA ALA C 190 -14.40 25.15 -21.02
C ALA C 190 -15.45 24.15 -20.49
N ALA C 191 -16.14 23.48 -21.39
CA ALA C 191 -17.17 22.51 -21.00
C ALA C 191 -16.68 21.35 -20.10
N ILE C 192 -15.40 21.00 -20.21
CA ILE C 192 -14.82 19.94 -19.42
C ILE C 192 -14.94 20.29 -17.94
N LEU C 193 -14.96 21.59 -17.64
CA LEU C 193 -15.07 22.03 -16.26
C LEU C 193 -16.51 22.27 -15.83
N ASN C 194 -17.27 22.93 -16.70
CA ASN C 194 -18.67 23.28 -16.39
C ASN C 194 -19.69 22.19 -16.64
N THR C 195 -19.32 21.14 -17.35
CA THR C 195 -20.25 20.06 -17.64
C THR C 195 -19.47 18.76 -17.52
N ASP C 196 -20.13 17.64 -17.78
CA ASP C 196 -19.45 16.36 -17.66
C ASP C 196 -18.97 15.84 -19.00
N VAL C 197 -18.94 16.73 -19.99
CA VAL C 197 -18.48 16.35 -21.32
C VAL C 197 -16.96 16.50 -21.39
N THR C 198 -16.35 15.83 -22.36
CA THR C 198 -14.91 15.91 -22.54
C THR C 198 -14.56 16.40 -23.94
N PRO C 199 -14.44 17.72 -24.13
CA PRO C 199 -14.10 18.28 -25.44
C PRO C 199 -12.67 17.86 -25.84
N THR C 200 -12.42 17.74 -27.13
CA THR C 200 -11.10 17.37 -27.62
C THR C 200 -10.12 18.53 -27.56
N SER C 201 -10.64 19.74 -27.40
CA SER C 201 -9.82 20.93 -27.32
C SER C 201 -9.51 21.26 -25.86
N ALA C 202 -9.93 20.41 -24.94
CA ALA C 202 -9.66 20.65 -23.52
C ALA C 202 -8.28 20.13 -23.17
N ILE C 203 -7.64 20.80 -22.22
CA ILE C 203 -6.29 20.43 -21.77
C ILE C 203 -6.44 19.86 -20.38
N TYR C 204 -6.24 18.56 -20.26
CA TYR C 204 -6.44 17.90 -18.98
C TYR C 204 -5.70 16.58 -18.85
N VAL C 205 -5.71 16.05 -17.63
CA VAL C 205 -5.08 14.77 -17.35
C VAL C 205 -6.04 13.97 -16.48
N ASP C 206 -6.29 12.74 -16.87
CA ASP C 206 -7.14 11.87 -16.09
C ASP C 206 -6.22 10.93 -15.32
N VAL C 207 -6.45 10.81 -14.02
CA VAL C 207 -5.60 9.95 -13.19
C VAL C 207 -6.09 8.53 -13.28
N ASP C 208 -5.16 7.58 -13.43
CA ASP C 208 -5.50 6.15 -13.52
C ASP C 208 -5.79 5.58 -12.13
N VAL C 209 -6.88 6.08 -11.59
CA VAL C 209 -7.40 5.75 -10.27
C VAL C 209 -7.51 4.26 -9.92
N THR C 210 -7.62 3.40 -10.93
CA THR C 210 -7.71 1.96 -10.74
C THR C 210 -6.35 1.26 -10.69
N ARG C 211 -5.28 1.99 -10.92
CA ARG C 211 -3.96 1.39 -10.92
C ARG C 211 -3.06 1.90 -9.83
N PHE C 212 -3.66 2.19 -8.66
CA PHE C 212 -2.91 2.65 -7.48
C PHE C 212 -2.40 1.39 -6.72
N ASP C 213 -1.43 1.55 -5.83
CA ASP C 213 -0.87 0.40 -5.12
C ASP C 213 -1.71 -0.17 -4.01
N LYS C 214 -2.58 0.64 -3.43
CA LYS C 214 -3.45 0.19 -2.36
C LYS C 214 -4.90 0.48 -2.72
N ALA C 215 -5.82 -0.21 -2.03
CA ALA C 215 -7.26 -0.06 -2.27
C ALA C 215 -7.87 1.17 -1.60
N TRP C 216 -7.33 1.55 -0.45
CA TRP C 216 -7.84 2.69 0.31
C TRP C 216 -6.67 3.39 0.93
N TYR C 217 -6.83 4.68 1.19
CA TYR C 217 -5.78 5.46 1.85
C TYR C 217 -6.35 6.10 3.10
N SER C 218 -5.47 6.31 4.07
CA SER C 218 -5.88 6.92 5.32
C SER C 218 -5.80 8.44 5.21
N THR C 219 -6.77 9.12 5.80
CA THR C 219 -6.81 10.56 5.78
C THR C 219 -5.69 11.10 6.69
N ILE C 220 -5.01 12.12 6.18
CA ILE C 220 -3.94 12.79 6.90
C ILE C 220 -3.91 14.25 6.44
N GLY C 221 -3.73 15.16 7.39
CA GLY C 221 -3.68 16.58 7.08
C GLY C 221 -2.41 16.92 6.32
N THR C 222 -2.47 17.99 5.54
CA THR C 222 -1.33 18.39 4.71
C THR C 222 -0.09 18.79 5.49
N ALA C 223 -0.28 19.45 6.62
CA ALA C 223 0.85 19.85 7.46
C ALA C 223 1.59 18.61 7.95
N ALA C 224 0.86 17.68 8.55
CA ALA C 224 1.43 16.43 9.06
C ALA C 224 2.06 15.63 7.91
N PHE C 225 1.39 15.62 6.78
CA PHE C 225 1.90 14.91 5.61
C PHE C 225 3.22 15.51 5.19
N ALA C 226 3.28 16.84 5.13
CA ALA C 226 4.51 17.52 4.72
C ALA C 226 5.72 17.15 5.59
N ALA C 227 5.47 16.92 6.87
CA ALA C 227 6.52 16.59 7.82
C ALA C 227 7.08 15.16 7.70
N LEU C 228 6.42 14.32 6.92
CA LEU C 228 6.85 12.93 6.78
C LEU C 228 8.01 12.78 5.82
N THR C 229 8.68 11.63 5.87
CA THR C 229 9.77 11.35 4.94
C THR C 229 9.04 10.94 3.68
N ALA C 230 9.73 10.95 2.55
CA ALA C 230 9.11 10.54 1.28
C ALA C 230 8.48 9.14 1.39
N PHE C 231 9.15 8.23 2.07
CA PHE C 231 8.67 6.87 2.23
C PHE C 231 7.40 6.74 3.05
N ASP C 232 7.28 7.49 4.13
CA ASP C 232 6.08 7.44 4.97
C ASP C 232 4.93 8.14 4.24
N GLN C 233 5.27 9.13 3.41
CA GLN C 233 4.27 9.83 2.62
C GLN C 233 3.65 8.88 1.60
N ASN C 234 4.44 7.94 1.11
CA ASN C 234 3.98 6.99 0.12
C ASN C 234 2.77 6.19 0.60
N GLN C 235 2.65 6.01 1.92
CA GLN C 235 1.52 5.25 2.44
C GLN C 235 0.24 6.03 2.44
N PHE C 236 0.33 7.35 2.37
CA PHE C 236 -0.88 8.18 2.41
C PHE C 236 -1.19 8.83 1.05
N CYS C 237 -0.26 8.72 0.11
CA CYS C 237 -0.40 9.34 -1.21
C CYS C 237 -0.24 8.37 -2.39
N PRO C 238 -1.27 8.29 -3.25
CA PRO C 238 -1.19 7.40 -4.41
C PRO C 238 -0.56 7.98 -5.67
N CYS C 239 -0.49 9.30 -5.77
CA CYS C 239 0.01 9.89 -6.99
C CYS C 239 0.33 11.34 -6.76
N THR C 240 1.18 11.91 -7.60
CA THR C 240 1.55 13.33 -7.54
C THR C 240 1.53 13.90 -8.96
N VAL C 241 1.10 15.14 -9.11
CA VAL C 241 1.11 15.76 -10.44
C VAL C 241 2.23 16.82 -10.52
N HIS C 242 2.89 16.91 -11.68
CA HIS C 242 3.93 17.92 -11.88
C HIS C 242 3.48 18.86 -12.99
N ILE C 243 3.70 20.14 -12.81
CA ILE C 243 3.33 21.11 -13.83
C ILE C 243 4.59 21.93 -14.08
N GLY C 244 5.11 21.88 -15.31
CA GLY C 244 6.31 22.64 -15.61
C GLY C 244 6.15 23.55 -16.81
N SER C 245 7.11 24.46 -17.01
CA SER C 245 7.04 25.34 -18.16
C SER C 245 8.39 25.89 -18.55
N ASP C 246 8.49 26.42 -19.77
CA ASP C 246 9.69 27.04 -20.27
C ASP C 246 9.41 27.70 -21.64
N GLY C 247 10.39 28.39 -22.20
CA GLY C 247 10.21 29.03 -23.49
C GLY C 247 9.34 30.25 -23.47
N GLY C 248 9.04 30.76 -22.28
CA GLY C 248 8.21 31.94 -22.17
C GLY C 248 8.98 33.20 -22.53
N PRO C 249 8.35 34.37 -22.37
CA PRO C 249 8.98 35.66 -22.69
C PRO C 249 10.02 36.11 -21.66
N ALA C 250 10.74 37.17 -22.00
CA ALA C 250 11.77 37.73 -21.12
C ALA C 250 11.09 38.29 -19.86
N VAL C 251 9.94 38.88 -20.06
CA VAL C 251 9.14 39.41 -18.97
C VAL C 251 8.12 38.28 -18.73
N ALA C 252 8.34 37.51 -17.67
CA ALA C 252 7.47 36.39 -17.33
C ALA C 252 5.98 36.75 -17.30
N VAL C 253 5.16 35.80 -17.70
CA VAL C 253 3.72 36.03 -17.79
C VAL C 253 2.96 34.93 -17.08
N PRO C 254 2.03 35.27 -16.17
CA PRO C 254 1.24 34.25 -15.46
C PRO C 254 0.44 33.52 -16.56
N PRO C 255 0.72 32.22 -16.76
CA PRO C 255 0.05 31.42 -17.79
C PRO C 255 -1.40 30.95 -17.61
N GLY C 256 -1.68 30.34 -16.46
CA GLY C 256 -3.00 29.83 -16.18
C GLY C 256 -3.05 29.25 -14.79
N ASP C 257 -4.14 28.55 -14.49
CA ASP C 257 -4.37 27.92 -13.18
C ASP C 257 -4.78 26.46 -13.38
N ILE C 258 -4.71 25.71 -12.30
CA ILE C 258 -5.06 24.30 -12.31
C ILE C 258 -6.26 23.98 -11.41
N PHE C 259 -7.24 23.28 -11.98
CA PHE C 259 -8.44 22.88 -11.27
C PHE C 259 -8.44 21.37 -11.12
N PHE C 260 -9.08 20.88 -10.04
CA PHE C 260 -9.25 19.43 -9.82
C PHE C 260 -10.76 19.27 -9.88
N LYS C 261 -11.22 18.31 -10.67
CA LYS C 261 -12.64 17.99 -10.76
C LYS C 261 -12.63 16.57 -10.24
N TYR C 262 -13.29 16.32 -9.12
CA TYR C 262 -13.22 15.00 -8.52
C TYR C 262 -14.50 14.41 -8.00
N VAL C 263 -14.44 13.10 -7.79
CA VAL C 263 -15.50 12.34 -7.15
C VAL C 263 -14.68 11.47 -6.18
N ILE C 264 -14.98 11.59 -4.89
CA ILE C 264 -14.27 10.85 -3.89
C ILE C 264 -15.25 10.11 -2.97
N GLU C 265 -14.82 8.94 -2.49
CA GLU C 265 -15.63 8.12 -1.60
C GLU C 265 -14.90 8.10 -0.29
N LEU C 266 -15.60 8.47 0.78
CA LEU C 266 -15.03 8.52 2.12
C LEU C 266 -15.74 7.44 2.93
N ILE C 267 -15.00 6.70 3.76
CA ILE C 267 -15.61 5.65 4.55
C ILE C 267 -15.12 5.70 5.97
N GLU C 268 -15.83 4.99 6.85
CA GLU C 268 -15.48 4.88 8.27
C GLU C 268 -15.31 6.19 9.05
N PRO C 269 -16.42 6.85 9.39
CA PRO C 269 -16.36 8.11 10.13
C PRO C 269 -15.53 8.00 11.40
N ILE C 270 -14.93 9.11 11.80
CA ILE C 270 -14.09 9.16 12.99
C ILE C 270 -14.20 10.55 13.59
N ASN C 271 -14.00 10.65 14.89
CA ASN C 271 -14.01 11.94 15.57
C ASN C 271 -12.84 12.71 14.91
N PRO C 272 -13.06 13.98 14.54
CA PRO C 272 -11.97 14.73 13.90
C PRO C 272 -10.69 14.92 14.74
N THR C 273 -10.84 14.98 16.05
CA THR C 273 -9.70 15.17 16.93
C THR C 273 -8.80 13.94 16.93
N MET C 274 -9.41 12.76 16.80
CA MET C 274 -8.65 11.52 16.77
C MET C 274 -7.91 11.41 15.45
N ASN C 275 -8.60 11.77 14.38
CA ASN C 275 -8.09 11.69 13.03
C ASN C 275 -7.08 12.79 12.69
CA CA D . 10.61 5.46 -7.92
CA CA E . 8.80 -26.30 3.72
CA CA F . -5.62 9.57 10.12
CA CA G . 7.64 -11.21 10.00
CA CA H . 4.72 10.50 -22.32
#